data_4QBF
#
_entry.id   4QBF
#
_cell.length_a   39.293
_cell.length_b   47.202
_cell.length_c   109.328
_cell.angle_alpha   90.00
_cell.angle_beta   90.00
_cell.angle_gamma   90.00
#
_symmetry.space_group_name_H-M   'P 21 21 21'
#
loop_
_entity.id
_entity.type
_entity.pdbx_description
1 polymer 'Adenylate kinase'
2 non-polymer 'ZINC ION'
3 non-polymer "BIS(ADENOSINE)-5'-PENTAPHOSPHATE"
4 water water
#
_entity_poly.entity_id   1
_entity_poly.type   'polypeptide(L)'
_entity_poly.pdbx_seq_one_letter_code
;MNIVLMGLPGAGKGTQAERIVEKYGIPHISTGDMFRAAMKEETPLGLEAKSYIDKGELVPDEVTIGIVRERLSKSDCERG
FLLDGFPRTVAQAEALEELLEEMGRPIDYVINIQVDKEELIARLTGRRICSVCGTTYHLVFNPPKTPGICDKDGGELYQR
ADDNEETVTKRLEVNMKQTAPLLAFYDSKEVLVNVNGQQDIQDVFADVKVILGGLKQ
;
_entity_poly.pdbx_strand_id   A
#
# COMPACT_ATOMS: atom_id res chain seq x y z
N MET A 1 -1.27 -18.17 1.58
CA MET A 1 -2.08 -16.95 1.48
C MET A 1 -1.33 -15.95 0.64
N ASN A 2 -1.72 -15.83 -0.64
CA ASN A 2 -1.07 -14.96 -1.65
C ASN A 2 -2.07 -13.80 -1.94
N ILE A 3 -1.79 -12.64 -1.34
CA ILE A 3 -2.78 -11.57 -1.18
C ILE A 3 -2.25 -10.23 -1.72
N VAL A 4 -3.08 -9.54 -2.47
CA VAL A 4 -2.80 -8.18 -2.90
C VAL A 4 -3.78 -7.26 -2.15
N LEU A 5 -3.26 -6.18 -1.60
CA LEU A 5 -4.10 -5.11 -1.10
C LEU A 5 -4.06 -4.01 -2.09
N MET A 6 -5.22 -3.50 -2.41
CA MET A 6 -5.23 -2.32 -3.25
C MET A 6 -6.21 -1.30 -2.68
N GLY A 7 -6.05 -0.09 -3.14
CA GLY A 7 -6.95 0.98 -2.71
C GLY A 7 -6.30 2.24 -3.13
N LEU A 8 -7.12 3.27 -3.28
CA LEU A 8 -6.63 4.59 -3.67
C LEU A 8 -5.72 5.16 -2.58
N PRO A 9 -4.86 6.12 -2.94
CA PRO A 9 -3.95 6.68 -1.99
C PRO A 9 -4.70 7.10 -0.69
N GLY A 10 -4.23 6.62 0.45
CA GLY A 10 -4.82 6.97 1.74
C GLY A 10 -5.91 6.02 2.25
N ALA A 11 -6.12 4.94 1.52
CA ALA A 11 -7.22 4.06 1.85
C ALA A 11 -6.96 3.27 3.11
N GLY A 12 -5.72 3.22 3.54
CA GLY A 12 -5.29 2.50 4.74
C GLY A 12 -4.65 1.16 4.50
N LYS A 13 -4.05 0.97 3.32
CA LYS A 13 -3.36 -0.28 2.99
C LYS A 13 -2.24 -0.65 3.97
N GLY A 14 -1.33 0.31 4.26
CA GLY A 14 -0.26 0.11 5.23
C GLY A 14 -0.74 -0.24 6.63
N THR A 15 -1.81 0.44 7.07
CA THR A 15 -2.46 0.21 8.38
C THR A 15 -3.00 -1.20 8.47
N GLN A 16 -3.72 -1.61 7.44
CA GLN A 16 -4.23 -3.00 7.38
C GLN A 16 -3.07 -4.06 7.19
N ALA A 17 -2.06 -3.72 6.40
CA ALA A 17 -0.97 -4.67 6.16
C ALA A 17 -0.28 -5.01 7.45
N GLU A 18 -0.10 -4.02 8.34
CA GLU A 18 0.60 -4.26 9.57
C GLU A 18 -0.15 -5.32 10.40
N ARG A 19 -1.46 -5.20 10.46
CA ARG A 19 -2.33 -6.15 11.13
C ARG A 19 -2.32 -7.55 10.51
N ILE A 20 -2.35 -7.60 9.17
CA ILE A 20 -2.33 -8.87 8.44
C ILE A 20 -1.03 -9.61 8.72
N VAL A 21 0.06 -8.87 8.64
CA VAL A 21 1.39 -9.35 9.04
C VAL A 21 1.53 -9.94 10.40
N GLU A 22 1.05 -9.21 11.41
CA GLU A 22 1.15 -9.60 12.78
C GLU A 22 0.31 -10.86 13.01
N LYS A 23 -0.84 -10.97 12.36
CA LYS A 23 -1.72 -12.13 12.55
C LYS A 23 -1.34 -13.39 11.79
N TYR A 24 -1.01 -13.28 10.51
CA TYR A 24 -0.77 -14.43 9.69
C TYR A 24 0.74 -14.71 9.38
N GLY A 25 1.63 -13.76 9.64
CA GLY A 25 3.07 -14.02 9.49
C GLY A 25 3.58 -14.09 8.05
N ILE A 26 2.82 -13.55 7.10
CA ILE A 26 3.26 -13.54 5.70
C ILE A 26 4.10 -12.28 5.50
N PRO A 27 5.09 -12.32 4.61
CA PRO A 27 5.82 -11.07 4.41
C PRO A 27 5.02 -9.91 3.77
N HIS A 28 5.33 -8.68 4.19
CA HIS A 28 4.67 -7.45 3.69
C HIS A 28 5.60 -6.88 2.65
N ILE A 29 5.21 -6.89 1.39
CA ILE A 29 5.96 -6.32 0.30
C ILE A 29 5.29 -5.06 -0.17
N SER A 30 5.87 -3.93 0.21
CA SER A 30 5.35 -2.63 -0.06
C SER A 30 6.26 -1.92 -1.02
N THR A 31 5.76 -1.64 -2.21
CA THR A 31 6.53 -0.89 -3.14
C THR A 31 6.86 0.50 -2.68
N GLY A 32 5.89 1.13 -1.99
CA GLY A 32 6.07 2.49 -1.49
C GLY A 32 7.25 2.46 -0.49
N ASP A 33 7.31 1.45 0.36
CA ASP A 33 8.37 1.35 1.36
C ASP A 33 9.76 1.13 0.70
N MET A 34 9.74 0.23 -0.28
CA MET A 34 10.94 -0.12 -1.01
C MET A 34 11.48 1.09 -1.74
N PHE A 35 10.62 1.87 -2.37
CA PHE A 35 11.06 3.08 -3.06
C PHE A 35 11.57 4.12 -2.06
N ARG A 36 10.87 4.31 -0.95
CA ARG A 36 11.32 5.28 0.03
C ARG A 36 12.71 4.91 0.65
N ALA A 37 12.92 3.64 0.89
CA ALA A 37 14.23 3.13 1.32
C ALA A 37 15.35 3.46 0.27
N ALA A 38 15.07 3.20 -1.00
CA ALA A 38 16.02 3.46 -2.08
C ALA A 38 16.31 4.96 -2.16
N MET A 39 15.25 5.78 -2.03
CA MET A 39 15.37 7.25 -2.07
C MET A 39 16.24 7.76 -0.93
N LYS A 40 16.01 7.22 0.27
CA LYS A 40 16.74 7.64 1.44
C LYS A 40 18.22 7.24 1.35
N GLU A 41 18.51 6.09 0.78
CA GLU A 41 19.90 5.66 0.59
C GLU A 41 20.56 6.27 -0.67
N GLU A 42 19.76 6.98 -1.47
CA GLU A 42 20.24 7.63 -2.66
C GLU A 42 20.89 6.66 -3.61
N THR A 43 20.26 5.52 -3.83
CA THR A 43 20.82 4.55 -4.76
C THR A 43 20.36 4.98 -6.18
N PRO A 44 21.01 4.44 -7.22
CA PRO A 44 20.60 4.77 -8.60
C PRO A 44 19.10 4.48 -8.87
N LEU A 45 18.58 3.39 -8.31
CA LEU A 45 17.19 3.07 -8.41
C LEU A 45 16.32 4.12 -7.68
N GLY A 46 16.76 4.46 -6.49
CA GLY A 46 16.20 5.57 -5.70
C GLY A 46 16.09 6.86 -6.45
N LEU A 47 17.18 7.26 -7.11
CA LEU A 47 17.21 8.63 -7.70
C LEU A 47 16.32 8.66 -8.93
N GLU A 48 16.26 7.52 -9.62
CA GLU A 48 15.38 7.30 -10.75
C GLU A 48 13.88 7.40 -10.31
N ALA A 49 13.54 6.74 -9.21
CA ALA A 49 12.15 6.70 -8.71
C ALA A 49 11.72 8.06 -8.21
N LYS A 50 12.66 8.75 -7.56
CA LYS A 50 12.33 10.03 -6.90
C LYS A 50 11.65 11.05 -7.80
N SER A 51 12.05 11.15 -9.07
CA SER A 51 11.48 12.18 -9.93
C SER A 51 9.98 11.98 -10.09
N TYR A 52 9.58 10.70 -10.12
CA TYR A 52 8.21 10.33 -10.26
C TYR A 52 7.48 10.47 -8.96
N ILE A 53 8.07 9.95 -7.89
CA ILE A 53 7.37 9.99 -6.59
C ILE A 53 7.09 11.39 -6.07
N ASP A 54 8.07 12.26 -6.26
CA ASP A 54 7.93 13.61 -5.79
C ASP A 54 6.78 14.32 -6.53
N LYS A 55 6.50 13.95 -7.77
CA LYS A 55 5.35 14.57 -8.48
C LYS A 55 3.99 13.87 -8.27
N GLY A 56 4.02 12.77 -7.54
CA GLY A 56 2.81 11.98 -7.34
C GLY A 56 2.48 11.06 -8.52
N GLU A 57 3.48 10.80 -9.37
CA GLU A 57 3.37 9.93 -10.50
C GLU A 57 3.80 8.49 -10.23
N LEU A 58 3.35 7.56 -11.02
CA LEU A 58 3.84 6.22 -10.90
C LEU A 58 5.28 6.12 -11.41
N VAL A 59 6.05 5.27 -10.74
CA VAL A 59 7.37 4.88 -11.21
C VAL A 59 7.16 3.95 -12.42
N PRO A 60 7.98 4.08 -13.48
CA PRO A 60 7.76 3.23 -14.62
C PRO A 60 7.69 1.72 -14.32
N ASP A 61 6.85 1.05 -15.07
CA ASP A 61 6.67 -0.38 -14.95
C ASP A 61 7.90 -1.21 -14.99
N GLU A 62 8.85 -0.89 -15.88
CA GLU A 62 10.07 -1.62 -16.06
C GLU A 62 10.84 -1.87 -14.76
N VAL A 63 11.25 -0.82 -14.05
CA VAL A 63 11.92 -0.97 -12.80
C VAL A 63 11.01 -1.59 -11.74
N THR A 64 9.73 -1.23 -11.70
CA THR A 64 8.88 -1.67 -10.62
C THR A 64 8.68 -3.16 -10.67
N ILE A 65 8.35 -3.64 -11.86
CA ILE A 65 8.11 -5.06 -12.02
C ILE A 65 9.35 -5.84 -11.60
N GLY A 66 10.51 -5.33 -12.01
CA GLY A 66 11.75 -6.04 -11.82
C GLY A 66 12.09 -6.06 -10.31
N ILE A 67 11.86 -4.98 -9.58
CA ILE A 67 12.13 -5.05 -8.13
C ILE A 67 11.17 -5.98 -7.38
N VAL A 68 9.88 -6.01 -7.80
CA VAL A 68 8.95 -6.90 -7.19
C VAL A 68 9.24 -8.36 -7.53
N ARG A 69 9.60 -8.62 -8.80
CA ARG A 69 9.80 -9.98 -9.28
C ARG A 69 10.75 -10.73 -8.40
N GLU A 70 11.82 -10.05 -8.14
CA GLU A 70 12.81 -10.65 -7.35
C GLU A 70 12.65 -10.52 -5.88
N ARG A 71 11.85 -9.56 -5.40
CA ARG A 71 11.57 -9.57 -3.99
C ARG A 71 10.84 -10.83 -3.75
N LEU A 72 9.93 -11.15 -4.65
CA LEU A 72 9.24 -12.36 -4.54
C LEU A 72 10.28 -13.48 -4.92
N SER A 73 11.58 -13.20 -5.14
CA SER A 73 12.52 -14.36 -5.52
C SER A 73 12.99 -15.01 -4.21
N LYS A 74 12.12 -15.07 -3.18
CA LYS A 74 12.65 -15.40 -1.85
C LYS A 74 11.89 -16.32 -1.01
N SER A 75 12.67 -17.01 -0.16
CA SER A 75 12.19 -18.17 0.48
C SER A 75 11.13 -17.76 1.49
N ASP A 76 11.22 -16.53 1.98
CA ASP A 76 10.17 -16.02 2.89
C ASP A 76 8.78 -15.97 2.26
N CYS A 77 8.72 -15.85 0.94
CA CYS A 77 7.45 -15.85 0.18
C CYS A 77 6.84 -17.24 -0.18
N GLU A 78 7.43 -18.34 0.29
CA GLU A 78 6.73 -19.62 0.10
C GLU A 78 5.49 -19.75 1.02
N ARG A 79 5.49 -19.17 2.22
CA ARG A 79 4.26 -19.20 3.05
C ARG A 79 3.12 -18.61 2.23
N GLY A 80 3.47 -17.58 1.50
CA GLY A 80 2.50 -16.67 0.93
C GLY A 80 3.13 -15.32 1.08
N PHE A 81 2.37 -14.29 0.79
CA PHE A 81 2.90 -12.93 0.75
C PHE A 81 1.75 -11.95 0.76
N LEU A 82 2.06 -10.72 1.18
CA LEU A 82 1.14 -9.60 1.14
C LEU A 82 1.71 -8.48 0.29
N LEU A 83 1.20 -8.30 -0.92
CA LEU A 83 1.64 -7.20 -1.77
C LEU A 83 0.84 -5.98 -1.46
N ASP A 84 1.52 -4.86 -1.19
CA ASP A 84 0.82 -3.64 -0.74
C ASP A 84 1.23 -2.54 -1.68
N GLY A 85 0.35 -2.14 -2.58
CA GLY A 85 0.68 -1.07 -3.54
C GLY A 85 1.20 -1.51 -4.89
N PHE A 86 1.21 -2.82 -5.10
CA PHE A 86 1.51 -3.44 -6.37
C PHE A 86 0.58 -4.61 -6.52
N PRO A 87 0.02 -4.80 -7.70
CA PRO A 87 0.13 -3.94 -8.89
C PRO A 87 -0.70 -2.69 -8.81
N ARG A 88 -0.37 -1.70 -9.60
CA ARG A 88 -1.36 -0.66 -9.72
C ARG A 88 -1.72 -0.17 -11.09
N THR A 89 -1.33 -1.00 -12.07
CA THR A 89 -1.77 -0.87 -13.42
C THR A 89 -2.07 -2.24 -13.96
N VAL A 90 -2.87 -2.30 -15.01
CA VAL A 90 -3.15 -3.58 -15.61
C VAL A 90 -1.85 -4.20 -16.13
N ALA A 91 -0.93 -3.41 -16.67
CA ALA A 91 0.29 -4.05 -17.21
C ALA A 91 1.11 -4.66 -16.05
N GLN A 92 1.11 -4.03 -14.89
CA GLN A 92 1.75 -4.61 -13.72
C GLN A 92 1.05 -5.92 -13.34
N ALA A 93 -0.28 -5.90 -13.35
CA ALA A 93 -1.02 -7.07 -12.93
C ALA A 93 -0.82 -8.21 -13.87
N GLU A 94 -0.72 -7.89 -15.16
CA GLU A 94 -0.52 -8.95 -16.16
C GLU A 94 0.87 -9.54 -16.07
N ALA A 95 1.87 -8.72 -15.82
CA ALA A 95 3.20 -9.24 -15.57
C ALA A 95 3.19 -10.13 -14.35
N LEU A 96 2.61 -9.67 -13.26
CA LEU A 96 2.51 -10.46 -12.03
C LEU A 96 1.76 -11.79 -12.26
N GLU A 97 0.71 -11.81 -13.10
CA GLU A 97 -0.09 -13.04 -13.30
C GLU A 97 0.78 -14.15 -13.96
N GLU A 98 1.59 -13.71 -14.89
CA GLU A 98 2.53 -14.58 -15.64
C GLU A 98 3.59 -15.09 -14.65
N LEU A 99 4.20 -14.17 -13.92
CA LEU A 99 5.28 -14.53 -13.06
C LEU A 99 4.83 -15.51 -12.00
N LEU A 100 3.63 -15.27 -11.47
CA LEU A 100 3.14 -16.12 -10.43
C LEU A 100 2.70 -17.48 -10.92
N GLU A 101 2.13 -17.58 -12.11
CA GLU A 101 1.80 -18.84 -12.77
C GLU A 101 3.05 -19.66 -12.89
N GLU A 102 4.12 -19.03 -13.37
CA GLU A 102 5.41 -19.78 -13.48
C GLU A 102 6.08 -20.18 -12.17
N MET A 103 5.77 -19.42 -11.13
CA MET A 103 6.33 -19.54 -9.78
C MET A 103 5.49 -20.53 -8.94
N GLY A 104 4.34 -20.93 -9.47
CA GLY A 104 3.39 -21.78 -8.72
C GLY A 104 2.72 -21.04 -7.58
N ARG A 105 2.60 -19.70 -7.66
CA ARG A 105 2.10 -18.96 -6.47
C ARG A 105 1.01 -17.97 -6.85
N PRO A 106 -0.06 -18.46 -7.49
CA PRO A 106 -1.05 -17.48 -7.95
C PRO A 106 -1.80 -16.77 -6.76
N ILE A 107 -2.36 -15.63 -7.08
CA ILE A 107 -3.08 -14.75 -6.09
C ILE A 107 -4.37 -15.47 -5.65
N ASP A 108 -4.58 -15.52 -4.33
CA ASP A 108 -5.83 -16.00 -3.73
C ASP A 108 -6.92 -14.92 -3.78
N TYR A 109 -6.60 -13.74 -3.21
CA TYR A 109 -7.54 -12.61 -3.20
C TYR A 109 -6.81 -11.28 -3.44
N VAL A 110 -7.49 -10.41 -4.16
CA VAL A 110 -7.17 -9.02 -4.23
C VAL A 110 -8.26 -8.30 -3.38
N ILE A 111 -7.85 -7.68 -2.28
CA ILE A 111 -8.72 -6.99 -1.32
C ILE A 111 -8.61 -5.51 -1.64
N ASN A 112 -9.74 -4.94 -2.06
CA ASN A 112 -9.79 -3.59 -2.49
C ASN A 112 -10.48 -2.77 -1.41
N ILE A 113 -9.75 -1.85 -0.81
CA ILE A 113 -10.28 -1.10 0.36
C ILE A 113 -10.94 0.15 -0.17
N GLN A 114 -12.26 0.29 0.02
CA GLN A 114 -13.03 1.35 -0.67
C GLN A 114 -13.30 2.46 0.33
N VAL A 115 -12.92 3.70 -0.02
CA VAL A 115 -13.06 4.92 0.84
C VAL A 115 -13.40 6.08 -0.05
N ASP A 116 -14.41 6.87 0.34
CA ASP A 116 -14.79 8.04 -0.42
C ASP A 116 -13.59 8.99 -0.60
N LYS A 117 -13.51 9.58 -1.78
CA LYS A 117 -12.40 10.44 -2.14
C LYS A 117 -12.20 11.63 -1.13
N GLU A 118 -13.28 12.22 -0.61
CA GLU A 118 -13.19 13.37 0.33
C GLU A 118 -12.42 12.91 1.56
N GLU A 119 -12.74 11.72 2.02
CA GLU A 119 -12.04 11.20 3.16
C GLU A 119 -10.60 10.86 2.79
N LEU A 120 -10.36 10.26 1.63
CA LEU A 120 -9.00 10.01 1.23
C LEU A 120 -8.12 11.24 1.30
N ILE A 121 -8.62 12.35 0.77
CA ILE A 121 -7.85 13.59 0.81
C ILE A 121 -7.56 14.01 2.26
N ALA A 122 -8.57 13.95 3.09
CA ALA A 122 -8.37 14.20 4.52
C ALA A 122 -7.35 13.27 5.21
N ARG A 123 -7.40 12.00 4.83
CA ARG A 123 -6.49 11.01 5.44
C ARG A 123 -5.02 11.37 5.13
N LEU A 124 -4.75 11.72 3.90
CA LEU A 124 -3.39 11.98 3.46
C LEU A 124 -2.93 13.34 3.97
N THR A 125 -3.75 14.38 3.82
CA THR A 125 -3.24 15.68 4.17
C THR A 125 -3.08 15.82 5.70
N GLY A 126 -3.85 15.04 6.46
CA GLY A 126 -3.80 15.12 7.92
C GLY A 126 -2.89 14.06 8.56
N ARG A 127 -2.20 13.26 7.76
CA ARG A 127 -1.34 12.22 8.30
C ARG A 127 -0.12 12.92 8.83
N ARG A 128 0.38 12.44 9.97
CA ARG A 128 1.61 12.94 10.60
C ARG A 128 2.38 11.72 11.08
N ILE A 129 3.69 11.70 10.85
CA ILE A 129 4.56 10.54 11.10
C ILE A 129 5.63 10.97 12.08
N CYS A 130 5.93 10.13 13.06
CA CYS A 130 6.98 10.48 14.03
C CYS A 130 8.36 10.43 13.39
N SER A 131 9.12 11.53 13.48
CA SER A 131 10.51 11.57 12.97
C SER A 131 11.49 10.70 13.74
N VAL A 132 11.05 10.20 14.88
CA VAL A 132 11.92 9.41 15.72
C VAL A 132 11.69 7.93 15.49
N CYS A 133 10.45 7.50 15.58
CA CYS A 133 10.10 6.06 15.54
C CYS A 133 9.27 5.61 14.33
N GLY A 134 8.75 6.56 13.58
CA GLY A 134 8.01 6.25 12.36
C GLY A 134 6.56 5.92 12.50
N THR A 135 6.02 6.14 13.70
CA THR A 135 4.63 5.81 14.05
C THR A 135 3.77 6.79 13.29
N THR A 136 2.67 6.29 12.77
CA THR A 136 1.74 7.14 12.07
C THR A 136 0.57 7.60 12.93
N TYR A 137 0.29 8.89 12.88
CA TYR A 137 -0.86 9.48 13.53
C TYR A 137 -1.74 10.17 12.46
N HIS A 138 -2.87 10.71 12.91
CA HIS A 138 -3.70 11.53 12.06
C HIS A 138 -4.30 12.62 12.88
N LEU A 139 -4.21 13.85 12.36
CA LEU A 139 -4.65 15.06 13.08
C LEU A 139 -6.01 14.90 13.69
N VAL A 140 -6.96 14.33 12.95
CA VAL A 140 -8.35 14.13 13.38
C VAL A 140 -8.63 12.71 13.82
N PHE A 141 -8.18 11.74 13.03
CA PHE A 141 -8.66 10.35 13.23
C PHE A 141 -7.89 9.56 14.27
N ASN A 142 -6.67 9.99 14.59
CA ASN A 142 -5.81 9.31 15.53
C ASN A 142 -4.76 10.29 16.04
N PRO A 143 -5.21 11.28 16.81
CA PRO A 143 -4.32 12.36 17.11
C PRO A 143 -3.36 11.94 18.25
N PRO A 144 -2.23 12.60 18.30
CA PRO A 144 -1.31 12.43 19.44
C PRO A 144 -1.95 13.02 20.69
N LYS A 145 -1.50 12.59 21.88
CA LYS A 145 -1.87 13.26 23.11
C LYS A 145 -1.54 14.75 23.15
N THR A 146 -0.39 15.14 22.63
CA THR A 146 -0.01 16.53 22.47
C THR A 146 0.18 16.82 21.01
N PRO A 147 -0.44 17.90 20.52
CA PRO A 147 -0.31 18.15 19.07
C PRO A 147 1.14 18.27 18.61
N GLY A 148 1.43 17.65 17.48
CA GLY A 148 2.71 17.81 16.86
C GLY A 148 3.82 16.94 17.42
N ILE A 149 3.51 16.13 18.43
CA ILE A 149 4.51 15.37 19.16
C ILE A 149 4.09 13.88 19.33
N CYS A 150 5.04 12.93 19.19
CA CYS A 150 4.76 11.52 19.43
C CYS A 150 4.56 11.15 20.92
N ASP A 151 3.51 10.40 21.21
CA ASP A 151 3.27 9.86 22.54
C ASP A 151 4.41 9.04 23.10
N LYS A 152 5.12 8.33 22.26
CA LYS A 152 6.09 7.31 22.73
C LYS A 152 7.49 7.82 23.11
N ASP A 153 7.90 8.92 22.48
CA ASP A 153 9.25 9.39 22.54
C ASP A 153 9.43 10.91 22.48
N GLY A 154 8.33 11.68 22.54
CA GLY A 154 8.38 13.10 22.38
C GLY A 154 8.84 13.68 21.07
N GLY A 155 8.96 12.81 20.06
CA GLY A 155 9.51 13.25 18.75
C GLY A 155 8.54 14.11 17.93
N GLU A 156 9.12 15.01 17.16
CA GLU A 156 8.34 15.88 16.27
C GLU A 156 7.70 15.05 15.18
N LEU A 157 6.43 15.32 15.00
CA LEU A 157 5.69 14.74 13.90
C LEU A 157 5.87 15.58 12.64
N TYR A 158 5.83 14.94 11.46
CA TYR A 158 6.03 15.66 10.22
C TYR A 158 5.01 15.18 9.26
N GLN A 159 4.76 16.00 8.25
CA GLN A 159 3.93 15.55 7.13
C GLN A 159 4.84 15.01 5.97
N ARG A 160 4.53 13.82 5.46
CA ARG A 160 5.27 13.24 4.36
C ARG A 160 5.29 14.21 3.17
N ALA A 161 6.40 14.13 2.43
CA ALA A 161 6.73 15.09 1.41
C ALA A 161 5.67 15.08 0.30
N ASP A 162 5.09 13.90 0.02
CA ASP A 162 4.07 13.74 -1.01
C ASP A 162 2.62 13.81 -0.47
N ASP A 163 2.43 14.21 0.78
CA ASP A 163 1.10 14.43 1.38
C ASP A 163 0.52 15.87 1.39
N ASN A 164 1.24 16.85 0.84
CA ASN A 164 0.64 18.18 0.63
C ASN A 164 -0.52 18.15 -0.39
N GLU A 165 -1.46 19.07 -0.27
CA GLU A 165 -2.65 19.03 -1.08
C GLU A 165 -2.42 18.85 -2.58
N GLU A 166 -1.46 19.53 -3.18
CA GLU A 166 -1.33 19.49 -4.64
C GLU A 166 -0.83 18.11 -5.08
N THR A 167 0.07 17.52 -4.29
CA THR A 167 0.66 16.23 -4.65
C THR A 167 -0.39 15.16 -4.39
N VAL A 168 -1.18 15.30 -3.32
CA VAL A 168 -2.29 14.36 -3.07
C VAL A 168 -3.27 14.37 -4.26
N THR A 169 -3.63 15.56 -4.74
CA THR A 169 -4.55 15.66 -5.88
C THR A 169 -4.04 14.91 -7.10
N LYS A 170 -2.76 15.09 -7.42
CA LYS A 170 -2.14 14.36 -8.52
C LYS A 170 -2.15 12.84 -8.31
N ARG A 171 -1.84 12.41 -7.11
CA ARG A 171 -1.78 11.00 -6.75
C ARG A 171 -3.14 10.33 -6.92
N LEU A 172 -4.18 11.05 -6.51
CA LEU A 172 -5.58 10.55 -6.69
C LEU A 172 -5.97 10.49 -8.14
N GLU A 173 -5.57 11.49 -8.92
CA GLU A 173 -5.93 11.52 -10.31
C GLU A 173 -5.25 10.40 -11.07
N VAL A 174 -3.95 10.20 -10.78
CA VAL A 174 -3.22 9.17 -11.43
C VAL A 174 -3.76 7.80 -11.12
N ASN A 175 -3.96 7.54 -9.83
CA ASN A 175 -4.39 6.24 -9.36
C ASN A 175 -5.89 5.97 -9.69
N MET A 176 -6.75 6.98 -9.63
CA MET A 176 -8.15 6.74 -10.09
C MET A 176 -8.18 6.23 -11.56
N LYS A 177 -7.34 6.81 -12.40
CA LYS A 177 -7.34 6.43 -13.80
C LYS A 177 -6.93 5.02 -14.02
N GLN A 178 -5.89 4.60 -13.30
CA GLN A 178 -5.35 3.22 -13.43
C GLN A 178 -6.15 2.17 -12.71
N THR A 179 -6.82 2.59 -11.62
CA THR A 179 -7.62 1.64 -10.83
C THR A 179 -8.84 1.11 -11.55
N ALA A 180 -9.48 1.93 -12.38
CA ALA A 180 -10.67 1.50 -13.07
C ALA A 180 -10.53 0.19 -13.89
N PRO A 181 -9.53 0.15 -14.82
CA PRO A 181 -9.36 -1.08 -15.55
C PRO A 181 -8.73 -2.26 -14.70
N LEU A 182 -7.97 -1.91 -13.70
CA LEU A 182 -7.32 -2.92 -12.84
C LEU A 182 -8.35 -3.71 -12.04
N LEU A 183 -9.33 -3.01 -11.51
CA LEU A 183 -10.39 -3.70 -10.84
C LEU A 183 -11.16 -4.64 -11.77
N ALA A 184 -11.43 -4.21 -13.01
CA ALA A 184 -12.10 -5.02 -14.02
C ALA A 184 -11.33 -6.29 -14.31
N PHE A 185 -10.01 -6.15 -14.35
CA PHE A 185 -9.11 -7.25 -14.58
C PHE A 185 -9.21 -8.31 -13.48
N TYR A 186 -9.08 -7.88 -12.21
CA TYR A 186 -9.19 -8.81 -11.14
C TYR A 186 -10.60 -9.34 -10.90
N ASP A 187 -11.60 -8.57 -11.24
CA ASP A 187 -12.95 -9.12 -11.12
C ASP A 187 -13.19 -10.26 -12.15
N SER A 188 -12.64 -10.11 -13.35
CA SER A 188 -12.77 -11.13 -14.39
C SER A 188 -12.02 -12.40 -13.96
N LYS A 189 -11.03 -12.26 -13.11
CA LYS A 189 -10.33 -13.41 -12.62
C LYS A 189 -11.00 -14.01 -11.40
N GLU A 190 -12.06 -13.39 -10.95
CA GLU A 190 -12.80 -13.80 -9.78
C GLU A 190 -11.95 -13.83 -8.46
N VAL A 191 -10.99 -12.93 -8.31
CA VAL A 191 -10.19 -12.88 -7.09
C VAL A 191 -10.42 -11.57 -6.31
N LEU A 192 -11.23 -10.66 -6.86
CA LEU A 192 -11.46 -9.34 -6.21
C LEU A 192 -12.48 -9.43 -5.12
N VAL A 193 -12.20 -8.81 -3.99
CA VAL A 193 -13.17 -8.72 -2.90
C VAL A 193 -13.08 -7.28 -2.40
N ASN A 194 -14.21 -6.64 -2.21
CA ASN A 194 -14.19 -5.24 -1.76
C ASN A 194 -14.45 -5.22 -0.28
N VAL A 195 -13.83 -4.26 0.39
CA VAL A 195 -14.03 -4.02 1.80
C VAL A 195 -14.31 -2.54 2.06
N ASN A 196 -15.22 -2.23 2.94
CA ASN A 196 -15.42 -0.86 3.31
C ASN A 196 -14.31 -0.33 4.24
N GLY A 197 -13.45 0.56 3.71
CA GLY A 197 -12.35 1.13 4.50
C GLY A 197 -12.67 2.25 5.44
N GLN A 198 -13.90 2.72 5.39
CA GLN A 198 -14.43 3.85 6.25
C GLN A 198 -15.13 3.31 7.50
N GLN A 199 -14.38 2.53 8.25
CA GLN A 199 -14.77 2.06 9.56
C GLN A 199 -13.54 2.34 10.38
N ASP A 200 -13.67 2.16 11.69
CA ASP A 200 -12.49 2.19 12.53
C ASP A 200 -11.53 1.10 12.09
N ILE A 201 -10.25 1.29 12.38
CA ILE A 201 -9.21 0.33 11.94
C ILE A 201 -9.50 -1.13 12.29
N GLN A 202 -9.86 -1.39 13.55
CA GLN A 202 -10.21 -2.72 14.03
C GLN A 202 -11.36 -3.34 13.25
N ASP A 203 -12.38 -2.55 12.85
CA ASP A 203 -13.50 -3.10 12.11
C ASP A 203 -13.19 -3.38 10.63
N VAL A 204 -12.36 -2.55 10.03
CA VAL A 204 -11.84 -2.89 8.69
C VAL A 204 -11.09 -4.21 8.74
N PHE A 205 -10.24 -4.37 9.76
CA PHE A 205 -9.44 -5.55 9.86
C PHE A 205 -10.31 -6.73 10.15
N ALA A 206 -11.39 -6.56 10.87
CA ALA A 206 -12.34 -7.65 11.12
C ALA A 206 -12.89 -8.20 9.82
N ASP A 207 -13.16 -7.32 8.85
CA ASP A 207 -13.70 -7.76 7.58
C ASP A 207 -12.62 -8.48 6.74
N VAL A 208 -11.40 -7.99 6.85
CA VAL A 208 -10.25 -8.66 6.23
C VAL A 208 -10.07 -10.10 6.77
N LYS A 209 -10.21 -10.25 8.07
CA LYS A 209 -10.13 -11.54 8.72
C LYS A 209 -11.17 -12.53 8.23
N VAL A 210 -12.37 -12.07 7.95
CA VAL A 210 -13.37 -13.01 7.42
C VAL A 210 -12.94 -13.52 6.08
N ILE A 211 -12.40 -12.63 5.26
CA ILE A 211 -11.94 -13.03 3.92
C ILE A 211 -10.81 -14.07 4.05
N LEU A 212 -9.83 -13.80 4.90
CA LEU A 212 -8.54 -14.59 4.96
C LEU A 212 -8.67 -15.84 5.86
N GLY A 213 -9.75 -15.89 6.68
CA GLY A 213 -9.87 -16.96 7.66
C GLY A 213 -9.89 -18.32 7.02
N GLY A 214 -10.46 -18.40 5.82
CA GLY A 214 -10.53 -19.56 5.10
C GLY A 214 -9.22 -20.03 4.54
N LEU A 215 -8.21 -19.16 4.50
CA LEU A 215 -6.87 -19.47 3.95
C LEU A 215 -5.77 -19.68 5.01
N LYS A 216 -6.15 -19.65 6.27
CA LYS A 216 -5.27 -20.12 7.33
C LYS A 216 -4.90 -21.56 7.13
#